data_4F4X
#
_entry.id   4F4X
#
_cell.length_a   101.122
_cell.length_b   102.306
_cell.length_c   52.879
_cell.angle_alpha   90.00
_cell.angle_beta   90.00
_cell.angle_gamma   90.00
#
_symmetry.space_group_name_H-M   'P 21 21 2'
#
loop_
_entity.id
_entity.type
_entity.pdbx_description
1 polymer 'DNA polymerase IV'
2 polymer "DNA (5'-D(*GP*GP*CP*AP*CP*TP*GP*AP*TP*CP*GP*GP*GP*C)-3')"
3 polymer "DNA (5'-D(*TP*TP*AP*CP*GP*CP*CP*CP*TP*GP*AP*TP*CP*AP*GP*TP*GP*CP*C)-3')"
4 non-polymer 'CALCIUM ION'
5 non-polymer "2'-DEOXYCYTIDINE-5'-TRIPHOSPHATE"
6 water water
#
loop_
_entity_poly.entity_id
_entity_poly.type
_entity_poly.pdbx_seq_one_letter_code
_entity_poly.pdbx_strand_id
1 'polypeptide(L)'
;MIVIFVDFDYFFAQVEEVLNPQYKGKPLVVCVYSGRTKTSGAVATANYEARKLGVKAGMPIIKAMQIAPSAIYVPMRKPI
YEAFSNRIMNLLNKHADKIEVASIDEAYLDVTNKVEGNFENGIELARKIKQEILEKEKITVTVGVAPNKILAKIIADKSK
PNGLGVIRPTEVQDFLNELDIDEIPGIGSVLARRLNELGIQKLRDILSKNYNELEKITGKAKALYLLKLAQDEYNEPIRT
RVRKSIGRIVTMKRNSRNLEEIKPYLFRAIEESYYKLDKRIPKAIHVVAVTEDLDIVSRGRTFPHGISKETAYSESVKLL
QKILEEDERKIRRIGVRFSKFIEAIGLDKFFDTGGHHHHHH
;
A
2 'polydeoxyribonucleotide' (DG)(DG)(DC)(DA)(DC)(DT)(DG)(DA)(DT)(DC)(DG)(DG)(DG)(DC) P
3 'polydeoxyribonucleotide' (DT)(DT)(DA)(DC)(DG)(DC)(DC)(DC)(DT)(DG)(DA)(DT)(DC)(DA)(DG)(DT)(DG)(DC)(DC) T
#
loop_
_chem_comp.id
_chem_comp.type
_chem_comp.name
_chem_comp.formula
CA non-polymer 'CALCIUM ION' 'Ca 2'
DA DNA linking 2'-DEOXYADENOSINE-5'-MONOPHOSPHATE 'C10 H14 N5 O6 P'
DC DNA linking 2'-DEOXYCYTIDINE-5'-MONOPHOSPHATE 'C9 H14 N3 O7 P'
DCP non-polymer 2'-DEOXYCYTIDINE-5'-TRIPHOSPHATE 'C9 H16 N3 O13 P3'
DG DNA linking 2'-DEOXYGUANOSINE-5'-MONOPHOSPHATE 'C10 H14 N5 O7 P'
DT DNA linking THYMIDINE-5'-MONOPHOSPHATE 'C10 H15 N2 O8 P'
#
# COMPACT_ATOMS: atom_id res chain seq x y z
N MET A 1 4.03 -11.46 22.83
CA MET A 1 4.81 -11.75 21.62
C MET A 1 5.83 -10.65 21.36
N ILE A 2 6.87 -10.97 20.60
CA ILE A 2 7.87 -9.98 20.23
C ILE A 2 7.88 -9.82 18.72
N VAL A 3 7.52 -8.63 18.25
CA VAL A 3 7.38 -8.39 16.83
C VAL A 3 8.46 -7.45 16.29
N ILE A 4 9.10 -7.86 15.20
CA ILE A 4 9.98 -6.98 14.46
C ILE A 4 9.31 -6.64 13.13
N PHE A 5 9.07 -5.35 12.90
CA PHE A 5 8.46 -4.89 11.66
C PHE A 5 9.54 -4.23 10.82
N VAL A 6 9.57 -4.51 9.51
CA VAL A 6 10.60 -3.96 8.63
C VAL A 6 9.97 -3.21 7.49
N ASP A 7 10.51 -2.06 7.16
CA ASP A 7 9.92 -1.22 6.14
C ASP A 7 11.06 -0.58 5.32
N PHE A 8 11.12 -0.82 4.01
CA PHE A 8 12.29 -0.44 3.21
C PHE A 8 12.32 1.05 2.95
N ASP A 9 13.44 1.75 3.12
CA ASP A 9 13.39 3.22 2.91
C ASP A 9 13.23 3.63 1.45
N TYR A 10 12.38 4.63 1.21
CA TYR A 10 12.10 5.18 -0.14
C TYR A 10 12.27 4.15 -1.27
N PHE A 11 11.58 3.02 -1.12
CA PHE A 11 11.94 1.77 -1.79
C PHE A 11 12.27 1.86 -3.28
N PHE A 12 11.31 2.26 -4.11
CA PHE A 12 11.54 2.22 -5.55
C PHE A 12 12.74 3.09 -5.94
N ALA A 13 12.83 4.29 -5.36
CA ALA A 13 13.94 5.19 -5.65
C ALA A 13 15.25 4.63 -5.15
N GLN A 14 15.20 3.97 -3.99
CA GLN A 14 16.41 3.40 -3.41
C GLN A 14 17.01 2.29 -4.27
N VAL A 15 16.15 1.43 -4.83
CA VAL A 15 16.59 0.39 -5.76
C VAL A 15 17.19 1.02 -7.00
N GLU A 16 16.50 2.02 -7.54
CA GLU A 16 17.08 2.74 -8.66
C GLU A 16 18.47 3.30 -8.27
N GLU A 17 18.65 3.73 -7.02
CA GLU A 17 19.97 4.21 -6.57
C GLU A 17 21.01 3.08 -6.50
N VAL A 18 20.57 1.87 -6.15
CA VAL A 18 21.49 0.75 -6.07
C VAL A 18 21.96 0.38 -7.46
N LEU A 19 21.05 0.44 -8.43
CA LEU A 19 21.35 0.18 -9.83
C LEU A 19 22.10 1.32 -10.54
N ASN A 20 21.93 2.55 -10.06
CA ASN A 20 22.65 3.71 -10.63
C ASN A 20 23.15 4.63 -9.52
N PRO A 21 24.25 4.25 -8.87
CA PRO A 21 24.78 4.96 -7.70
C PRO A 21 25.04 6.45 -7.96
N GLN A 22 25.24 6.86 -9.21
CA GLN A 22 25.38 8.28 -9.51
C GLN A 22 24.13 9.09 -9.12
N TYR A 23 22.97 8.44 -9.00
CA TYR A 23 21.75 9.14 -8.57
C TYR A 23 21.72 9.44 -7.07
N LYS A 24 22.52 8.71 -6.29
CA LYS A 24 22.48 8.87 -4.83
C LYS A 24 22.84 10.30 -4.37
N GLY A 25 22.20 10.76 -3.30
CA GLY A 25 22.48 12.07 -2.73
C GLY A 25 21.98 13.28 -3.52
N LYS A 26 21.34 13.02 -4.66
CA LYS A 26 20.67 14.07 -5.45
C LYS A 26 19.19 13.72 -5.58
N PRO A 27 18.32 14.73 -5.78
CA PRO A 27 16.89 14.44 -5.94
C PRO A 27 16.60 13.46 -7.08
N LEU A 28 15.88 12.39 -6.74
CA LEU A 28 15.54 11.38 -7.74
C LEU A 28 14.05 11.09 -7.59
N VAL A 29 13.33 11.11 -8.70
CA VAL A 29 11.89 10.83 -8.70
C VAL A 29 11.55 9.63 -9.61
N VAL A 30 10.82 8.65 -9.07
CA VAL A 30 10.35 7.51 -9.86
C VAL A 30 8.95 7.74 -10.39
N CYS A 31 8.82 7.76 -11.70
CA CYS A 31 7.61 8.21 -12.37
C CYS A 31 6.87 7.06 -13.05
N VAL A 32 5.53 7.09 -12.98
CA VAL A 32 4.69 6.20 -13.77
C VAL A 32 4.18 6.99 -14.99
N TYR A 33 4.77 6.75 -16.15
CA TYR A 33 4.38 7.52 -17.33
C TYR A 33 3.19 6.82 -17.98
N SER A 34 2.12 7.57 -18.23
CA SER A 34 0.88 7.00 -18.76
C SER A 34 0.92 6.86 -20.27
N GLY A 35 1.75 7.67 -20.92
CA GLY A 35 1.94 7.57 -22.36
C GLY A 35 1.11 8.55 -23.18
N ARG A 36 0.14 9.21 -22.55
CA ARG A 36 -0.69 10.16 -23.27
C ARG A 36 0.15 11.30 -23.86
N THR A 37 1.02 11.89 -23.04
CA THR A 37 1.99 12.85 -23.55
C THR A 37 3.37 12.34 -23.14
N LYS A 38 4.37 13.22 -23.17
CA LYS A 38 5.71 12.79 -22.76
C LYS A 38 5.90 12.92 -21.26
N THR A 39 5.16 13.84 -20.65
CA THR A 39 5.31 14.07 -19.22
C THR A 39 4.11 13.64 -18.40
N SER A 40 3.05 13.17 -19.08
CA SER A 40 1.85 12.80 -18.36
C SER A 40 2.14 11.59 -17.49
N GLY A 41 1.83 11.71 -16.20
CA GLY A 41 1.87 10.55 -15.33
C GLY A 41 1.89 10.98 -13.88
N ALA A 42 2.27 10.06 -13.01
CA ALA A 42 2.32 10.36 -11.57
C ALA A 42 3.61 9.87 -10.92
N VAL A 43 3.92 10.41 -9.74
CA VAL A 43 5.11 10.05 -8.98
C VAL A 43 4.83 8.82 -8.13
N ALA A 44 5.64 7.78 -8.31
CA ALA A 44 5.49 6.56 -7.51
C ALA A 44 6.19 6.75 -6.16
N THR A 45 7.38 7.34 -6.18
CA THR A 45 8.06 7.69 -4.96
C THR A 45 9.24 8.62 -5.25
N ALA A 46 9.77 9.25 -4.23
CA ALA A 46 10.90 10.15 -4.44
C ALA A 46 11.87 9.90 -3.33
N ASN A 47 13.16 9.98 -3.60
CA ASN A 47 14.11 9.90 -2.50
C ASN A 47 13.98 11.14 -1.60
N TYR A 48 14.59 11.07 -0.42
CA TYR A 48 14.43 12.13 0.58
C TYR A 48 14.93 13.49 0.12
N GLU A 49 15.96 13.52 -0.71
CA GLU A 49 16.41 14.79 -1.27
C GLU A 49 15.32 15.48 -2.09
N ALA A 50 14.55 14.70 -2.85
CA ALA A 50 13.50 15.29 -3.67
C ALA A 50 12.28 15.63 -2.82
N ARG A 51 12.08 14.91 -1.73
CA ARG A 51 10.98 15.20 -0.83
C ARG A 51 11.21 16.54 -0.15
N LYS A 52 12.48 16.85 0.10
CA LYS A 52 12.80 18.17 0.70
C LYS A 52 12.33 19.31 -0.20
N LEU A 53 12.37 19.09 -1.51
CA LEU A 53 11.83 20.04 -2.49
C LEU A 53 10.30 20.04 -2.64
N GLY A 54 9.62 19.16 -1.92
CA GLY A 54 8.17 19.13 -1.99
C GLY A 54 7.59 18.02 -2.85
N VAL A 55 8.44 17.15 -3.37
CA VAL A 55 7.95 16.08 -4.24
C VAL A 55 7.25 15.00 -3.42
N LYS A 56 6.02 14.68 -3.81
CA LYS A 56 5.25 13.69 -3.07
C LYS A 56 4.77 12.55 -3.97
N ALA A 57 4.70 11.35 -3.41
CA ALA A 57 4.06 10.20 -4.08
C ALA A 57 2.60 10.52 -4.39
N GLY A 58 2.17 10.20 -5.61
CA GLY A 58 0.81 10.45 -6.06
C GLY A 58 0.71 11.68 -6.94
N MET A 59 1.66 12.59 -6.76
CA MET A 59 1.62 13.88 -7.43
C MET A 59 1.88 13.72 -8.92
N PRO A 60 1.23 14.55 -9.74
CA PRO A 60 1.43 14.61 -11.20
C PRO A 60 2.89 14.92 -11.54
N ILE A 61 3.47 14.24 -12.51
CA ILE A 61 4.88 14.47 -12.85
C ILE A 61 5.12 15.94 -13.25
N ILE A 62 4.19 16.48 -14.03
CA ILE A 62 4.28 17.85 -14.48
C ILE A 62 4.35 18.83 -13.29
N LYS A 63 3.64 18.52 -12.20
CA LYS A 63 3.67 19.34 -10.99
C LYS A 63 4.98 19.16 -10.20
N ALA A 64 5.50 17.94 -10.17
CA ALA A 64 6.80 17.69 -9.55
C ALA A 64 7.90 18.43 -10.29
N MET A 65 7.83 18.44 -11.61
CA MET A 65 8.86 19.07 -12.43
C MET A 65 8.82 20.59 -12.24
N GLN A 66 7.71 21.12 -11.72
CA GLN A 66 7.65 22.54 -11.47
C GLN A 66 8.41 22.95 -10.23
N ILE A 67 8.30 22.15 -9.18
CA ILE A 67 8.96 22.50 -7.92
C ILE A 67 10.34 21.89 -7.78
N ALA A 68 10.64 20.89 -8.60
CA ALA A 68 11.98 20.30 -8.60
C ALA A 68 12.44 19.94 -10.00
N PRO A 69 12.59 20.96 -10.86
CA PRO A 69 12.93 20.74 -12.27
C PRO A 69 14.33 20.18 -12.51
N SER A 70 15.20 20.17 -11.50
CA SER A 70 16.55 19.63 -11.70
C SER A 70 16.68 18.23 -11.10
N ALA A 71 15.58 17.69 -10.59
CA ALA A 71 15.58 16.32 -10.12
C ALA A 71 15.79 15.36 -11.28
N ILE A 72 16.37 14.20 -11.00
CA ILE A 72 16.38 13.16 -12.01
C ILE A 72 15.04 12.42 -12.01
N TYR A 73 14.40 12.37 -13.18
CA TYR A 73 13.13 11.71 -13.37
C TYR A 73 13.38 10.42 -14.13
N VAL A 74 12.98 9.29 -13.56
CA VAL A 74 13.16 7.98 -14.22
C VAL A 74 11.87 7.15 -14.19
N PRO A 75 11.68 6.30 -15.21
CA PRO A 75 10.47 5.47 -15.26
C PRO A 75 10.47 4.36 -14.24
N MET A 76 9.29 4.04 -13.74
CA MET A 76 9.12 2.94 -12.82
C MET A 76 9.46 1.62 -13.55
N ARG A 77 10.21 0.76 -12.86
CA ARG A 77 10.58 -0.56 -13.38
C ARG A 77 10.19 -1.58 -12.32
N LYS A 78 8.88 -1.74 -12.14
CA LYS A 78 8.36 -2.56 -11.04
C LYS A 78 8.89 -4.02 -10.93
N PRO A 79 9.12 -4.69 -12.07
CA PRO A 79 9.68 -6.04 -11.92
C PRO A 79 11.01 -6.12 -11.16
N ILE A 80 11.92 -5.17 -11.36
CA ILE A 80 13.16 -5.18 -10.59
C ILE A 80 12.88 -5.00 -9.10
N TYR A 81 11.97 -4.08 -8.78
CA TYR A 81 11.66 -3.84 -7.36
C TYR A 81 11.06 -5.10 -6.71
N GLU A 82 10.20 -5.79 -7.46
CA GLU A 82 9.64 -7.05 -6.96
C GLU A 82 10.75 -8.07 -6.72
N ALA A 83 11.74 -8.09 -7.61
CA ALA A 83 12.85 -9.02 -7.44
C ALA A 83 13.66 -8.70 -6.19
N PHE A 84 14.00 -7.43 -5.98
CA PHE A 84 14.69 -7.05 -4.73
C PHE A 84 13.89 -7.45 -3.52
N SER A 85 12.60 -7.13 -3.56
CA SER A 85 11.72 -7.41 -2.43
C SER A 85 11.74 -8.91 -2.08
N ASN A 86 11.48 -9.73 -3.09
CA ASN A 86 11.52 -11.19 -2.94
C ASN A 86 12.79 -11.68 -2.27
N ARG A 87 13.94 -11.23 -2.77
CA ARG A 87 15.21 -11.60 -2.14
C ARG A 87 15.26 -11.16 -0.69
N ILE A 88 14.80 -9.94 -0.42
CA ILE A 88 14.83 -9.45 0.96
C ILE A 88 13.87 -10.26 1.86
N MET A 89 12.63 -10.47 1.44
CA MET A 89 11.69 -11.28 2.23
C MET A 89 12.27 -12.68 2.54
N ASN A 90 12.98 -13.26 1.58
CA ASN A 90 13.70 -14.52 1.80
C ASN A 90 14.79 -14.42 2.88
N LEU A 91 15.49 -13.29 2.96
CA LEU A 91 16.47 -13.10 4.05
C LEU A 91 15.79 -13.03 5.42
N LEU A 92 14.67 -12.29 5.50
CA LEU A 92 13.95 -12.09 6.76
C LEU A 92 13.39 -13.41 7.27
N ASN A 93 12.84 -14.18 6.34
CA ASN A 93 12.17 -15.44 6.66
C ASN A 93 13.02 -16.36 7.55
N LYS A 94 14.31 -16.46 7.26
CA LYS A 94 15.17 -17.32 8.07
C LYS A 94 15.57 -16.71 9.42
N HIS A 95 15.04 -15.53 9.73
CA HIS A 95 15.26 -14.93 11.04
C HIS A 95 14.01 -14.96 11.89
N ALA A 96 13.00 -15.72 11.47
CA ALA A 96 11.70 -15.63 12.15
C ALA A 96 10.96 -16.97 12.31
N ASP A 97 10.19 -17.06 13.39
CA ASP A 97 9.30 -18.20 13.60
C ASP A 97 8.20 -18.14 12.57
N LYS A 98 7.57 -16.97 12.47
CA LYS A 98 6.52 -16.72 11.47
C LYS A 98 6.77 -15.37 10.82
N ILE A 99 6.46 -15.25 9.54
CA ILE A 99 6.60 -13.97 8.85
C ILE A 99 5.32 -13.62 8.10
N GLU A 100 4.93 -12.35 8.17
CA GLU A 100 3.80 -11.84 7.40
C GLU A 100 4.31 -10.79 6.41
N VAL A 101 4.36 -11.15 5.14
CA VAL A 101 4.77 -10.21 4.09
C VAL A 101 3.59 -9.29 3.78
N ALA A 102 3.64 -8.05 4.27
CA ALA A 102 2.47 -7.18 4.16
C ALA A 102 2.32 -6.55 2.80
N SER A 103 3.43 -6.39 2.11
CA SER A 103 3.45 -5.78 0.79
C SER A 103 4.88 -5.92 0.22
N ILE A 104 5.11 -5.37 -0.97
CA ILE A 104 6.40 -5.44 -1.63
C ILE A 104 7.47 -4.73 -0.78
N ASP A 105 7.00 -3.91 0.14
CA ASP A 105 7.84 -2.97 0.87
C ASP A 105 8.01 -3.31 2.38
N GLU A 106 7.16 -4.19 2.92
CA GLU A 106 7.20 -4.37 4.37
C GLU A 106 6.71 -5.72 4.87
N ALA A 107 7.17 -6.07 6.06
CA ALA A 107 6.89 -7.37 6.64
C ALA A 107 6.92 -7.31 8.17
N TYR A 108 6.18 -8.21 8.79
CA TYR A 108 6.21 -8.40 10.23
C TYR A 108 6.80 -9.77 10.51
N LEU A 109 7.72 -9.82 11.47
CA LEU A 109 8.32 -11.08 11.88
C LEU A 109 7.97 -11.33 13.34
N ASP A 110 7.41 -12.50 13.63
CA ASP A 110 7.26 -12.94 15.01
C ASP A 110 8.54 -13.66 15.38
N VAL A 111 9.26 -13.11 16.34
CA VAL A 111 10.54 -13.67 16.72
C VAL A 111 10.53 -14.10 18.18
N THR A 112 9.33 -14.24 18.73
CA THR A 112 9.13 -14.51 20.16
C THR A 112 9.94 -15.72 20.65
N ASN A 113 9.69 -16.88 20.06
CA ASN A 113 10.44 -18.08 20.40
C ASN A 113 11.93 -17.92 20.10
N LYS A 114 12.22 -17.38 18.92
CA LYS A 114 13.58 -17.26 18.41
C LYS A 114 14.56 -16.58 19.38
N VAL A 115 14.07 -15.62 20.16
CA VAL A 115 14.93 -14.94 21.13
C VAL A 115 14.58 -15.30 22.58
N GLU A 116 13.85 -16.40 22.74
CA GLU A 116 13.47 -16.92 24.06
C GLU A 116 12.73 -15.90 24.92
N GLY A 117 11.81 -15.17 24.31
CA GLY A 117 11.00 -14.19 25.01
C GLY A 117 11.78 -13.01 25.54
N ASN A 118 13.10 -13.01 25.32
CA ASN A 118 13.93 -11.92 25.81
C ASN A 118 13.87 -10.73 24.86
N PHE A 119 13.15 -9.68 25.28
CA PHE A 119 12.90 -8.53 24.43
C PHE A 119 14.17 -7.85 23.89
N GLU A 120 15.21 -7.80 24.72
CA GLU A 120 16.44 -7.10 24.38
C GLU A 120 17.29 -7.86 23.34
N ASN A 121 17.12 -9.18 23.28
CA ASN A 121 17.75 -9.97 22.23
C ASN A 121 16.96 -9.85 20.93
N GLY A 122 15.75 -9.32 21.07
CA GLY A 122 14.92 -8.98 19.93
C GLY A 122 15.49 -7.76 19.22
N ILE A 123 15.84 -6.74 20.01
CA ILE A 123 16.46 -5.54 19.46
C ILE A 123 17.74 -5.89 18.72
N GLU A 124 18.54 -6.78 19.31
CA GLU A 124 19.81 -7.17 18.71
C GLU A 124 19.57 -7.96 17.44
N LEU A 125 18.56 -8.81 17.44
CA LEU A 125 18.18 -9.52 16.22
C LEU A 125 17.75 -8.50 15.15
N ALA A 126 17.04 -7.47 15.57
CA ALA A 126 16.66 -6.39 14.65
C ALA A 126 17.88 -5.65 14.08
N ARG A 127 18.89 -5.40 14.91
CA ARG A 127 20.13 -4.81 14.42
C ARG A 127 20.83 -5.75 13.44
N LYS A 128 20.88 -7.02 13.79
CA LYS A 128 21.52 -8.02 12.93
C LYS A 128 20.77 -8.08 11.60
N ILE A 129 19.45 -7.94 11.65
CA ILE A 129 18.64 -8.02 10.43
C ILE A 129 18.91 -6.85 9.49
N LYS A 130 19.01 -5.64 10.03
CA LYS A 130 19.29 -4.44 9.24
C LYS A 130 20.62 -4.52 8.56
N GLN A 131 21.60 -4.98 9.32
CA GLN A 131 22.98 -5.06 8.85
C GLN A 131 23.07 -6.05 7.68
N GLU A 132 22.38 -7.18 7.80
CA GLU A 132 22.40 -8.19 6.76
C GLU A 132 21.76 -7.70 5.47
N ILE A 133 20.58 -7.09 5.56
CA ILE A 133 19.93 -6.52 4.37
C ILE A 133 20.85 -5.50 3.69
N LEU A 134 21.49 -4.66 4.50
CA LEU A 134 22.42 -3.65 3.98
C LEU A 134 23.65 -4.27 3.32
N GLU A 135 24.22 -5.32 3.93
CA GLU A 135 25.42 -5.94 3.37
C GLU A 135 25.12 -6.70 2.08
N LYS A 136 23.98 -7.39 2.06
CA LYS A 136 23.63 -8.28 0.94
C LYS A 136 22.92 -7.61 -0.23
N GLU A 137 22.13 -6.58 0.03
CA GLU A 137 21.38 -5.93 -1.04
C GLU A 137 21.66 -4.44 -1.18
N LYS A 138 22.42 -3.86 -0.25
CA LYS A 138 22.72 -2.42 -0.27
C LYS A 138 21.42 -1.61 -0.14
N ILE A 139 20.47 -2.15 0.63
CA ILE A 139 19.21 -1.47 0.88
C ILE A 139 19.14 -1.09 2.35
N THR A 140 18.80 0.16 2.62
CA THR A 140 18.56 0.54 4.00
C THR A 140 17.07 0.41 4.30
N VAL A 141 16.78 -0.07 5.51
CA VAL A 141 15.43 -0.25 5.95
C VAL A 141 15.30 0.40 7.32
N THR A 142 14.06 0.60 7.74
CA THR A 142 13.74 1.08 9.07
C THR A 142 12.98 -0.04 9.75
N VAL A 143 13.30 -0.28 11.01
CA VAL A 143 12.75 -1.39 11.76
C VAL A 143 12.02 -0.85 12.99
N GLY A 144 10.96 -1.54 13.39
CA GLY A 144 10.28 -1.25 14.64
C GLY A 144 10.18 -2.54 15.43
N VAL A 145 10.49 -2.48 16.73
CA VAL A 145 10.33 -3.65 17.59
C VAL A 145 9.34 -3.34 18.72
N ALA A 146 8.35 -4.20 18.94
CA ALA A 146 7.30 -3.91 19.90
C ALA A 146 6.60 -5.20 20.28
N PRO A 147 5.73 -5.14 21.30
CA PRO A 147 5.00 -6.37 21.65
C PRO A 147 3.82 -6.69 20.73
N ASN A 148 3.49 -5.81 19.79
CA ASN A 148 2.48 -6.14 18.77
C ASN A 148 2.71 -5.46 17.42
N LYS A 149 2.04 -5.97 16.39
CA LYS A 149 2.14 -5.43 15.02
C LYS A 149 1.94 -3.92 14.89
N ILE A 150 0.87 -3.39 15.49
CA ILE A 150 0.54 -1.97 15.30
C ILE A 150 1.58 -1.03 15.92
N LEU A 151 2.04 -1.34 17.12
CA LEU A 151 3.06 -0.52 17.74
C LEU A 151 4.40 -0.67 17.01
N ALA A 152 4.69 -1.88 16.54
CA ALA A 152 5.89 -2.11 15.76
C ALA A 152 5.93 -1.19 14.53
N LYS A 153 4.79 -1.07 13.87
CA LYS A 153 4.70 -0.21 12.68
C LYS A 153 4.75 1.28 13.01
N ILE A 154 4.04 1.70 14.06
CA ILE A 154 3.99 3.13 14.43
C ILE A 154 5.39 3.64 14.78
N ILE A 155 6.07 2.94 15.67
CA ILE A 155 7.41 3.36 16.08
C ILE A 155 8.39 3.31 14.92
N ALA A 156 8.18 2.36 13.99
CA ALA A 156 9.00 2.34 12.78
C ALA A 156 8.79 3.64 12.00
N ASP A 157 7.54 3.99 11.76
CA ASP A 157 7.22 5.21 11.01
C ASP A 157 7.80 6.46 11.66
N LYS A 158 7.89 6.46 12.99
CA LYS A 158 8.44 7.61 13.72
C LYS A 158 9.95 7.68 13.59
N SER A 159 10.56 6.56 13.21
CA SER A 159 12.00 6.43 13.21
C SER A 159 12.63 6.57 11.82
N LYS A 160 11.83 6.87 10.80
CA LYS A 160 12.35 6.98 9.44
C LYS A 160 13.22 8.22 9.20
N PRO A 161 14.24 8.09 8.35
CA PRO A 161 14.64 6.86 7.67
C PRO A 161 15.80 6.14 8.34
N ASN A 162 16.11 4.94 7.86
CA ASN A 162 17.23 4.15 8.36
C ASN A 162 17.19 4.01 9.89
N GLY A 163 15.98 3.92 10.43
CA GLY A 163 15.79 3.93 11.87
C GLY A 163 15.67 2.55 12.50
N LEU A 164 15.77 2.54 13.82
CA LEU A 164 15.44 1.38 14.64
C LEU A 164 14.66 1.83 15.86
N GLY A 165 13.34 1.73 15.78
CA GLY A 165 12.48 2.20 16.84
C GLY A 165 12.12 1.07 17.78
N VAL A 166 11.98 1.39 19.07
CA VAL A 166 11.71 0.38 20.09
C VAL A 166 10.61 0.82 21.07
N ILE A 167 9.76 -0.12 21.46
CA ILE A 167 8.75 0.11 22.50
C ILE A 167 8.69 -1.15 23.34
N ARG A 168 9.23 -1.08 24.55
CA ARG A 168 9.29 -2.25 25.42
C ARG A 168 7.95 -2.42 26.13
N PRO A 169 7.66 -3.64 26.62
CA PRO A 169 6.37 -3.91 27.28
C PRO A 169 6.05 -2.92 28.37
N THR A 170 7.10 -2.45 29.06
CA THR A 170 6.95 -1.52 30.17
C THR A 170 6.46 -0.14 29.70
N GLU A 171 6.76 0.20 28.46
CA GLU A 171 6.45 1.54 27.96
C GLU A 171 5.19 1.60 27.10
N VAL A 172 4.60 0.44 26.81
CA VAL A 172 3.40 0.38 25.99
C VAL A 172 2.29 1.29 26.53
N GLN A 173 1.88 1.06 27.78
CA GLN A 173 0.83 1.87 28.41
C GLN A 173 1.10 3.37 28.29
N ASP A 174 2.30 3.78 28.69
CA ASP A 174 2.71 5.17 28.50
C ASP A 174 2.50 5.57 27.04
N PHE A 175 3.18 4.90 26.12
CA PHE A 175 3.09 5.23 24.69
C PHE A 175 1.66 5.40 24.15
N LEU A 176 0.75 4.53 24.56
CA LEU A 176 -0.63 4.64 24.12
C LEU A 176 -1.34 5.91 24.60
N ASN A 177 -0.80 6.56 25.64
CA ASN A 177 -1.45 7.74 26.25
C ASN A 177 -1.09 9.10 25.62
N GLU A 178 -0.10 9.12 24.74
CA GLU A 178 0.28 10.35 24.06
C GLU A 178 0.11 10.22 22.56
N LEU A 179 -0.29 9.03 22.12
CA LEU A 179 -0.48 8.76 20.71
C LEU A 179 -1.58 9.64 20.12
N ASP A 180 -1.25 10.36 19.06
CA ASP A 180 -2.23 11.20 18.36
C ASP A 180 -3.05 10.33 17.40
N ILE A 181 -4.34 10.63 17.28
CA ILE A 181 -5.23 9.89 16.39
C ILE A 181 -4.70 9.76 14.95
N ASP A 182 -4.14 10.84 14.42
CA ASP A 182 -3.71 10.83 13.03
C ASP A 182 -2.46 9.98 12.77
N GLU A 183 -1.85 9.48 13.86
CA GLU A 183 -0.69 8.58 13.77
C GLU A 183 -1.06 7.10 13.78
N ILE A 184 -2.35 6.78 13.89
CA ILE A 184 -2.76 5.39 13.94
C ILE A 184 -3.01 4.87 12.52
N PRO A 185 -2.32 3.79 12.14
CA PRO A 185 -2.49 3.18 10.81
C PRO A 185 -3.94 2.79 10.57
N GLY A 186 -4.45 3.10 9.38
CA GLY A 186 -5.84 2.80 9.03
C GLY A 186 -6.76 4.00 9.12
N ILE A 187 -6.40 4.97 9.96
CA ILE A 187 -7.21 6.17 10.13
C ILE A 187 -6.72 7.25 9.16
N GLY A 188 -7.52 7.56 8.16
CA GLY A 188 -7.14 8.52 7.14
C GLY A 188 -7.29 9.96 7.60
N SER A 189 -6.80 10.89 6.80
CA SER A 189 -6.84 12.30 7.15
C SER A 189 -8.25 12.81 7.40
N VAL A 190 -9.21 12.36 6.61
CA VAL A 190 -10.59 12.82 6.75
C VAL A 190 -11.18 12.45 8.12
N LEU A 191 -11.11 11.16 8.44
CA LEU A 191 -11.67 10.69 9.68
C LEU A 191 -10.95 11.32 10.88
N ALA A 192 -9.64 11.42 10.79
CA ALA A 192 -8.84 12.03 11.85
C ALA A 192 -9.33 13.44 12.15
N ARG A 193 -9.70 14.17 11.09
CA ARG A 193 -10.21 15.53 11.25
C ARG A 193 -11.59 15.52 11.90
N ARG A 194 -12.45 14.62 11.44
CA ARG A 194 -13.78 14.51 12.04
C ARG A 194 -13.67 14.14 13.52
N LEU A 195 -12.73 13.27 13.87
CA LEU A 195 -12.50 12.96 15.29
C LEU A 195 -11.93 14.19 16.02
N ASN A 196 -11.01 14.91 15.38
CA ASN A 196 -10.44 16.10 16.00
CA ASN A 196 -10.43 16.11 15.98
C ASN A 196 -11.50 17.16 16.29
N GLU A 197 -12.46 17.30 15.37
CA GLU A 197 -13.54 18.27 15.53
C GLU A 197 -14.41 17.97 16.74
N LEU A 198 -14.43 16.70 17.13
CA LEU A 198 -15.26 16.22 18.22
C LEU A 198 -14.47 16.17 19.52
N GLY A 199 -13.24 16.67 19.49
CA GLY A 199 -12.45 16.73 20.70
C GLY A 199 -11.60 15.51 20.97
N ILE A 200 -11.46 14.67 19.94
CA ILE A 200 -10.71 13.44 20.05
C ILE A 200 -9.39 13.62 19.33
N GLN A 201 -8.34 13.96 20.08
CA GLN A 201 -7.05 14.27 19.48
C GLN A 201 -6.03 13.18 19.79
N LYS A 202 -6.17 12.61 20.99
CA LYS A 202 -5.32 11.50 21.43
C LYS A 202 -6.12 10.21 21.41
N LEU A 203 -5.40 9.09 21.26
CA LEU A 203 -6.00 7.78 21.32
C LEU A 203 -6.77 7.59 22.62
N ARG A 204 -6.18 8.03 23.73
CA ARG A 204 -6.80 7.88 25.03
C ARG A 204 -8.18 8.58 25.09
N ASP A 205 -8.40 9.57 24.23
CA ASP A 205 -9.69 10.27 24.21
C ASP A 205 -10.83 9.37 23.68
N ILE A 206 -10.48 8.24 23.08
CA ILE A 206 -11.47 7.27 22.59
C ILE A 206 -12.23 6.69 23.76
N LEU A 207 -11.53 6.48 24.87
CA LEU A 207 -12.11 5.82 26.04
C LEU A 207 -13.21 6.63 26.74
N SER A 208 -13.27 7.94 26.49
CA SER A 208 -14.27 8.77 27.17
C SER A 208 -15.48 9.13 26.30
N LYS A 209 -15.48 8.72 25.04
CA LYS A 209 -16.64 8.98 24.20
C LYS A 209 -17.59 7.79 24.18
N ASN A 210 -18.90 8.06 24.25
CA ASN A 210 -19.91 7.02 24.16
CA ASN A 210 -19.90 7.03 24.16
C ASN A 210 -19.68 6.16 22.92
N TYR A 211 -19.49 4.86 23.14
CA TYR A 211 -19.15 3.94 22.06
C TYR A 211 -20.14 3.93 20.89
N ASN A 212 -21.42 4.08 21.20
CA ASN A 212 -22.44 4.07 20.16
C ASN A 212 -22.39 5.32 19.31
N GLU A 213 -21.90 6.41 19.88
CA GLU A 213 -21.74 7.65 19.11
C GLU A 213 -20.47 7.55 18.28
N LEU A 214 -19.45 6.90 18.84
CA LEU A 214 -18.20 6.65 18.13
C LEU A 214 -18.46 5.85 16.87
N GLU A 215 -19.24 4.76 17.01
CA GLU A 215 -19.56 3.88 15.89
C GLU A 215 -20.20 4.63 14.71
N LYS A 216 -21.03 5.62 15.02
CA LYS A 216 -21.66 6.44 13.98
C LYS A 216 -20.64 7.21 13.14
N ILE A 217 -19.57 7.68 13.81
CA ILE A 217 -18.55 8.52 13.18
C ILE A 217 -17.45 7.72 12.46
N THR A 218 -17.09 6.58 13.03
CA THR A 218 -15.95 5.80 12.54
C THR A 218 -16.37 4.55 11.77
N GLY A 219 -17.60 4.11 11.98
CA GLY A 219 -18.05 2.82 11.51
C GLY A 219 -17.69 1.79 12.57
N LYS A 220 -18.34 0.64 12.53
CA LYS A 220 -18.18 -0.37 13.57
C LYS A 220 -16.78 -0.94 13.66
N ALA A 221 -16.21 -1.31 12.51
CA ALA A 221 -14.89 -1.91 12.48
C ALA A 221 -13.86 -0.94 13.04
N LYS A 222 -13.87 0.30 12.57
CA LYS A 222 -12.90 1.28 13.09
C LYS A 222 -13.11 1.61 14.56
N ALA A 223 -14.35 1.56 15.02
CA ALA A 223 -14.64 1.86 16.41
C ALA A 223 -14.12 0.75 17.31
N LEU A 224 -14.31 -0.50 16.87
CA LEU A 224 -13.81 -1.64 17.65
CA LEU A 224 -13.81 -1.65 17.64
C LEU A 224 -12.30 -1.61 17.65
N TYR A 225 -11.72 -1.33 16.50
CA TYR A 225 -10.28 -1.21 16.33
C TYR A 225 -9.69 -0.14 17.27
N LEU A 226 -10.21 1.09 17.21
CA LEU A 226 -9.71 2.17 18.08
C LEU A 226 -9.87 1.84 19.56
N LEU A 227 -11.01 1.26 19.93
CA LEU A 227 -11.24 0.96 21.32
C LEU A 227 -10.30 -0.14 21.81
N LYS A 228 -10.03 -1.13 20.97
CA LYS A 228 -9.10 -2.19 21.36
C LYS A 228 -7.71 -1.61 21.53
N LEU A 229 -7.30 -0.79 20.59
CA LEU A 229 -5.99 -0.16 20.62
C LEU A 229 -5.83 0.69 21.88
N ALA A 230 -6.86 1.45 22.20
CA ALA A 230 -6.79 2.35 23.35
C ALA A 230 -6.64 1.57 24.65
N GLN A 231 -7.21 0.37 24.69
CA GLN A 231 -7.18 -0.45 25.88
C GLN A 231 -6.02 -1.46 25.88
N ASP A 232 -5.12 -1.34 24.90
CA ASP A 232 -3.98 -2.26 24.78
C ASP A 232 -4.45 -3.71 24.74
N GLU A 233 -5.53 -3.92 23.98
CA GLU A 233 -6.09 -5.24 23.76
C GLU A 233 -5.98 -5.60 22.29
N TYR A 234 -5.06 -4.96 21.58
CA TYR A 234 -4.78 -5.33 20.21
C TYR A 234 -3.67 -6.37 20.24
N ASN A 235 -3.88 -7.51 19.59
CA ASN A 235 -2.92 -8.59 19.70
C ASN A 235 -2.82 -9.49 18.48
N GLU A 236 -3.29 -9.01 17.33
CA GLU A 236 -3.42 -9.81 16.11
C GLU A 236 -2.15 -10.58 15.77
N PRO A 237 -2.31 -11.85 15.37
CA PRO A 237 -1.16 -12.72 15.09
C PRO A 237 -0.52 -12.40 13.74
N ILE A 238 0.78 -12.69 13.65
CA ILE A 238 1.50 -12.66 12.38
C ILE A 238 0.88 -13.72 11.47
N ARG A 239 0.48 -13.34 10.27
CA ARG A 239 -0.37 -14.21 9.47
C ARG A 239 -0.23 -13.94 7.97
N THR A 240 -0.13 -15.01 7.18
CA THR A 240 0.01 -14.85 5.72
C THR A 240 -1.27 -14.30 5.08
N ARG A 241 -1.15 -13.18 4.36
CA ARG A 241 -2.29 -12.56 3.68
CA ARG A 241 -2.31 -12.60 3.70
C ARG A 241 -2.52 -13.23 2.32
N VAL A 242 -3.78 -13.45 1.95
CA VAL A 242 -4.07 -14.11 0.67
C VAL A 242 -4.50 -13.11 -0.40
N ARG A 243 -3.94 -13.25 -1.60
CA ARG A 243 -4.38 -12.46 -2.75
C ARG A 243 -5.87 -12.67 -3.04
N LYS A 244 -6.60 -11.57 -3.18
CA LYS A 244 -8.04 -11.63 -3.40
C LYS A 244 -8.46 -11.10 -4.77
N SER A 245 -7.66 -10.22 -5.35
CA SER A 245 -8.04 -9.70 -6.65
C SER A 245 -6.86 -9.32 -7.50
N ILE A 246 -7.03 -9.48 -8.81
CA ILE A 246 -5.97 -9.22 -9.76
C ILE A 246 -6.54 -8.46 -10.93
N GLY A 247 -5.85 -7.41 -11.35
CA GLY A 247 -6.40 -6.59 -12.41
C GLY A 247 -5.36 -5.83 -13.20
N ARG A 248 -5.84 -4.99 -14.10
CA ARG A 248 -4.99 -4.21 -14.97
C ARG A 248 -5.78 -3.01 -15.41
N ILE A 249 -5.21 -1.81 -15.29
CA ILE A 249 -5.90 -0.61 -15.76
C ILE A 249 -4.93 0.34 -16.48
N VAL A 250 -5.35 0.83 -17.64
CA VAL A 250 -4.45 1.61 -18.49
C VAL A 250 -5.09 2.92 -18.90
N THR A 251 -4.23 3.89 -19.22
CA THR A 251 -4.66 5.20 -19.67
C THR A 251 -4.76 5.17 -21.19
N MET A 252 -5.86 5.68 -21.72
CA MET A 252 -6.01 5.71 -23.18
C MET A 252 -5.33 6.96 -23.74
N LYS A 253 -4.96 6.90 -25.01
CA LYS A 253 -4.32 8.03 -25.67
C LYS A 253 -5.20 9.27 -25.62
N ARG A 254 -6.51 9.07 -25.65
CA ARG A 254 -7.43 10.20 -25.54
C ARG A 254 -8.70 9.80 -24.79
N ASN A 255 -9.29 10.77 -24.11
CA ASN A 255 -10.58 10.56 -23.46
C ASN A 255 -11.61 10.15 -24.48
N SER A 256 -12.64 9.43 -24.04
CA SER A 256 -13.54 8.83 -24.99
C SER A 256 -14.78 8.27 -24.34
N ARG A 257 -15.83 8.17 -25.15
CA ARG A 257 -17.05 7.46 -24.79
C ARG A 257 -17.39 6.52 -25.94
N ASN A 258 -16.49 6.45 -26.90
CA ASN A 258 -16.71 5.59 -28.07
C ASN A 258 -16.33 4.16 -27.75
N LEU A 259 -17.34 3.28 -27.74
CA LEU A 259 -17.16 1.86 -27.45
C LEU A 259 -16.03 1.21 -28.25
N GLU A 260 -16.02 1.44 -29.56
CA GLU A 260 -15.01 0.84 -30.44
C GLU A 260 -13.60 1.41 -30.17
N GLU A 261 -13.54 2.64 -29.69
CA GLU A 261 -12.25 3.24 -29.37
C GLU A 261 -11.71 2.65 -28.06
N ILE A 262 -12.61 2.42 -27.10
CA ILE A 262 -12.24 1.97 -25.76
C ILE A 262 -11.92 0.47 -25.72
N LYS A 263 -12.63 -0.31 -26.53
CA LYS A 263 -12.50 -1.77 -26.54
C LYS A 263 -11.08 -2.36 -26.66
N PRO A 264 -10.24 -1.82 -27.55
CA PRO A 264 -8.89 -2.39 -27.65
C PRO A 264 -8.10 -2.31 -26.34
N TYR A 265 -8.28 -1.24 -25.57
CA TYR A 265 -7.60 -1.12 -24.30
C TYR A 265 -8.17 -2.10 -23.28
N LEU A 266 -9.50 -2.19 -23.23
CA LEU A 266 -10.17 -3.09 -22.31
C LEU A 266 -9.67 -4.50 -22.51
N PHE A 267 -9.58 -4.91 -23.77
CA PHE A 267 -9.15 -6.26 -24.12
C PHE A 267 -7.71 -6.57 -23.78
N ARG A 268 -6.79 -5.63 -24.07
CA ARG A 268 -5.42 -5.91 -23.69
CA ARG A 268 -5.39 -5.79 -23.69
C ARG A 268 -5.31 -5.98 -22.18
N ALA A 269 -6.11 -5.18 -21.45
CA ALA A 269 -6.10 -5.29 -19.98
C ALA A 269 -6.56 -6.67 -19.49
N ILE A 270 -7.54 -7.26 -20.18
CA ILE A 270 -7.97 -8.62 -19.86
C ILE A 270 -6.87 -9.65 -20.17
N GLU A 271 -6.29 -9.53 -21.37
CA GLU A 271 -5.15 -10.39 -21.74
C GLU A 271 -4.07 -10.37 -20.65
N GLU A 272 -3.66 -9.18 -20.24
CA GLU A 272 -2.59 -9.06 -19.25
C GLU A 272 -3.07 -9.56 -17.88
N SER A 273 -4.34 -9.32 -17.55
CA SER A 273 -4.85 -9.82 -16.27
C SER A 273 -4.85 -11.34 -16.25
N TYR A 274 -5.21 -11.95 -17.38
CA TYR A 274 -5.21 -13.41 -17.41
C TYR A 274 -3.81 -13.99 -17.30
N TYR A 275 -2.82 -13.31 -17.88
CA TYR A 275 -1.45 -13.74 -17.68
C TYR A 275 -1.13 -13.73 -16.19
N LYS A 276 -1.52 -12.67 -15.46
CA LYS A 276 -1.25 -12.58 -14.02
C LYS A 276 -2.03 -13.59 -13.18
N LEU A 277 -3.27 -13.89 -13.60
CA LEU A 277 -4.05 -14.88 -12.86
C LEU A 277 -3.35 -16.24 -12.84
N ASP A 278 -2.72 -16.57 -13.97
CA ASP A 278 -2.03 -17.84 -14.17
C ASP A 278 -3.01 -19.01 -14.03
N LYS A 279 -2.93 -19.73 -12.92
CA LYS A 279 -3.80 -20.90 -12.70
C LYS A 279 -5.08 -20.54 -11.93
N ARG A 280 -5.15 -19.33 -11.39
CA ARG A 280 -6.35 -18.93 -10.67
C ARG A 280 -7.48 -18.71 -11.65
N ILE A 281 -8.66 -19.16 -11.26
CA ILE A 281 -9.84 -18.99 -12.07
C ILE A 281 -10.79 -18.13 -11.24
N PRO A 282 -11.18 -16.97 -11.77
CA PRO A 282 -12.04 -16.02 -11.05
C PRO A 282 -13.54 -16.25 -11.36
N LYS A 283 -14.42 -15.98 -10.39
CA LYS A 283 -15.87 -16.02 -10.60
C LYS A 283 -16.44 -14.62 -10.76
N ALA A 284 -15.63 -13.61 -10.49
CA ALA A 284 -16.13 -12.23 -10.55
C ALA A 284 -15.28 -11.34 -11.45
N ILE A 285 -15.94 -10.51 -12.24
CA ILE A 285 -15.25 -9.53 -13.07
C ILE A 285 -15.82 -8.14 -12.78
N HIS A 286 -14.94 -7.15 -12.65
CA HIS A 286 -15.33 -5.74 -12.56
C HIS A 286 -14.64 -4.92 -13.64
N VAL A 287 -15.41 -4.17 -14.42
CA VAL A 287 -14.81 -3.22 -15.33
C VAL A 287 -14.70 -1.88 -14.60
N VAL A 288 -13.50 -1.29 -14.62
CA VAL A 288 -13.24 -0.04 -13.91
C VAL A 288 -12.96 1.10 -14.90
N ALA A 289 -13.62 2.24 -14.68
CA ALA A 289 -13.42 3.40 -15.53
C ALA A 289 -13.00 4.62 -14.69
N VAL A 290 -11.87 5.21 -15.04
CA VAL A 290 -11.46 6.49 -14.46
C VAL A 290 -11.91 7.60 -15.42
N THR A 291 -12.85 8.41 -14.95
CA THR A 291 -13.44 9.45 -15.81
C THR A 291 -12.47 10.63 -15.98
N GLU A 292 -12.81 11.52 -16.90
CA GLU A 292 -12.02 12.72 -17.18
C GLU A 292 -11.73 13.55 -15.93
N ASP A 293 -12.69 13.60 -15.00
CA ASP A 293 -12.45 14.31 -13.75
C ASP A 293 -11.78 13.45 -12.67
N LEU A 294 -11.26 12.29 -13.06
CA LEU A 294 -10.52 11.39 -12.18
C LEU A 294 -11.37 10.73 -11.10
N ASP A 295 -12.68 10.79 -11.30
CA ASP A 295 -13.61 10.01 -10.51
C ASP A 295 -13.51 8.54 -10.99
N ILE A 296 -13.85 7.59 -10.13
CA ILE A 296 -13.81 6.17 -10.49
C ILE A 296 -15.20 5.54 -10.54
N VAL A 297 -15.59 5.03 -11.71
CA VAL A 297 -16.88 4.37 -11.90
C VAL A 297 -16.67 2.90 -12.28
N SER A 298 -17.36 1.99 -11.59
CA SER A 298 -17.18 0.55 -11.79
C SER A 298 -18.49 -0.20 -11.94
N ARG A 299 -18.49 -1.24 -12.79
CA ARG A 299 -19.61 -2.19 -12.86
C ARG A 299 -19.05 -3.60 -12.87
N GLY A 300 -19.66 -4.47 -12.06
CA GLY A 300 -19.18 -5.83 -11.94
C GLY A 300 -20.26 -6.90 -12.00
N ARG A 301 -19.83 -8.16 -12.00
CA ARG A 301 -20.73 -9.30 -12.05
C ARG A 301 -20.03 -10.54 -11.47
N THR A 302 -20.69 -11.23 -10.54
CA THR A 302 -20.20 -12.51 -10.07
C THR A 302 -20.95 -13.64 -10.80
N PHE A 303 -20.20 -14.60 -11.32
CA PHE A 303 -20.82 -15.74 -12.01
C PHE A 303 -20.97 -16.91 -11.05
N PRO A 304 -21.90 -17.83 -11.35
CA PRO A 304 -21.98 -19.03 -10.51
C PRO A 304 -20.82 -19.98 -10.82
N HIS A 305 -20.04 -19.66 -11.86
CA HIS A 305 -18.89 -20.49 -12.21
C HIS A 305 -17.66 -19.64 -12.54
N GLY A 306 -16.57 -20.32 -12.88
CA GLY A 306 -15.35 -19.67 -13.33
C GLY A 306 -15.50 -19.03 -14.70
N ILE A 307 -14.76 -17.94 -14.90
CA ILE A 307 -14.83 -17.17 -16.13
C ILE A 307 -13.59 -17.46 -16.98
N SER A 308 -13.81 -17.97 -18.18
CA SER A 308 -12.70 -18.17 -19.12
C SER A 308 -12.37 -16.83 -19.78
N LYS A 309 -11.23 -16.75 -20.44
CA LYS A 309 -10.78 -15.48 -20.98
C LYS A 309 -11.78 -14.97 -21.99
N GLU A 310 -12.34 -15.89 -22.76
CA GLU A 310 -13.34 -15.49 -23.76
C GLU A 310 -14.67 -14.99 -23.14
N THR A 311 -15.06 -15.54 -22.01
CA THR A 311 -16.25 -15.02 -21.34
C THR A 311 -15.90 -13.63 -20.78
N ALA A 312 -14.68 -13.47 -20.29
CA ALA A 312 -14.27 -12.18 -19.74
C ALA A 312 -14.43 -11.08 -20.78
N TYR A 313 -14.00 -11.36 -22.01
CA TYR A 313 -14.17 -10.46 -23.14
C TYR A 313 -15.61 -10.03 -23.36
N SER A 314 -16.49 -11.03 -23.51
CA SER A 314 -17.87 -10.70 -23.80
C SER A 314 -18.52 -9.98 -22.62
N GLU A 315 -18.29 -10.46 -21.41
CA GLU A 315 -18.95 -9.87 -20.25
CA GLU A 315 -18.96 -9.85 -20.28
C GLU A 315 -18.40 -8.46 -19.97
N SER A 316 -17.12 -8.22 -20.27
CA SER A 316 -16.52 -6.91 -20.00
C SER A 316 -17.14 -5.82 -20.87
N VAL A 317 -17.51 -6.17 -22.11
CA VAL A 317 -18.18 -5.20 -22.98
C VAL A 317 -19.57 -4.83 -22.44
N LYS A 318 -20.30 -5.82 -21.93
CA LYS A 318 -21.60 -5.56 -21.32
C LYS A 318 -21.47 -4.61 -20.14
N LEU A 319 -20.45 -4.84 -19.31
CA LEU A 319 -20.22 -3.98 -18.16
C LEU A 319 -19.79 -2.59 -18.59
N LEU A 320 -18.96 -2.49 -19.62
CA LEU A 320 -18.55 -1.19 -20.13
C LEU A 320 -19.76 -0.42 -20.67
N GLN A 321 -20.60 -1.08 -21.46
CA GLN A 321 -21.85 -0.49 -21.92
C GLN A 321 -22.70 0.03 -20.77
N LYS A 322 -22.77 -0.75 -19.69
CA LYS A 322 -23.45 -0.32 -18.48
C LYS A 322 -22.88 0.99 -17.93
N ILE A 323 -21.55 1.07 -17.83
CA ILE A 323 -20.92 2.32 -17.36
C ILE A 323 -21.29 3.51 -18.26
N LEU A 324 -21.17 3.34 -19.57
CA LEU A 324 -21.46 4.43 -20.50
C LEU A 324 -22.94 4.81 -20.45
N GLU A 325 -23.79 3.82 -20.19
CA GLU A 325 -25.23 4.02 -20.09
C GLU A 325 -25.58 4.87 -18.86
N GLU A 326 -24.89 4.60 -17.75
CA GLU A 326 -25.29 5.16 -16.47
C GLU A 326 -24.42 6.33 -16.03
N ASP A 327 -23.39 6.63 -16.82
CA ASP A 327 -22.57 7.80 -16.56
C ASP A 327 -22.25 8.55 -17.84
N GLU A 328 -22.30 9.87 -17.72
CA GLU A 328 -22.35 10.75 -18.87
C GLU A 328 -20.97 11.27 -19.21
N ARG A 329 -20.03 11.11 -18.29
CA ARG A 329 -18.69 11.66 -18.46
C ARG A 329 -17.83 10.91 -19.47
N LYS A 330 -16.74 11.55 -19.90
CA LYS A 330 -15.78 10.88 -20.75
C LYS A 330 -14.84 10.04 -19.91
N ILE A 331 -14.29 9.00 -20.50
CA ILE A 331 -13.46 8.05 -19.79
C ILE A 331 -11.99 8.29 -20.12
N ARG A 332 -11.14 8.35 -19.08
CA ARG A 332 -9.72 8.60 -19.26
C ARG A 332 -8.89 7.30 -19.17
N ARG A 333 -9.22 6.45 -18.19
CA ARG A 333 -8.55 5.16 -18.01
C ARG A 333 -9.59 4.05 -17.95
N ILE A 334 -9.24 2.87 -18.45
CA ILE A 334 -10.19 1.76 -18.48
C ILE A 334 -9.47 0.51 -18.02
N GLY A 335 -10.12 -0.32 -17.22
CA GLY A 335 -9.45 -1.50 -16.74
C GLY A 335 -10.42 -2.57 -16.31
N VAL A 336 -9.86 -3.65 -15.77
CA VAL A 336 -10.64 -4.78 -15.30
CA VAL A 336 -10.65 -4.76 -15.31
C VAL A 336 -10.00 -5.30 -14.04
N ARG A 337 -10.81 -5.89 -13.18
CA ARG A 337 -10.31 -6.55 -11.99
C ARG A 337 -11.04 -7.89 -11.87
N PHE A 338 -10.33 -8.92 -11.43
CA PHE A 338 -10.91 -10.26 -11.27
C PHE A 338 -10.74 -10.68 -9.82
N SER A 339 -11.76 -11.34 -9.27
CA SER A 339 -11.72 -11.79 -7.88
C SER A 339 -12.58 -13.03 -7.70
N LYS A 340 -12.78 -13.43 -6.44
CA LYS A 340 -13.53 -14.63 -6.08
C LYS A 340 -12.97 -15.86 -6.81
N PHE A 341 -11.73 -16.19 -6.48
CA PHE A 341 -10.98 -17.25 -7.14
C PHE A 341 -11.44 -18.61 -6.63
N ILE A 342 -11.60 -19.55 -7.53
CA ILE A 342 -12.00 -20.90 -7.13
C ILE A 342 -10.94 -21.57 -6.25
CA CA D . -18.64 8.95 -8.04
CA CA E . 8.87 2.09 2.71
CA CA F . 5.68 0.88 3.80
N1 DCP G . 4.00 3.56 -3.95
C2 DCP G . 3.36 3.87 -5.09
N3 DCP G . 2.46 4.85 -5.17
C4 DCP G . 2.16 5.58 -4.08
C5 DCP G . 2.81 5.32 -2.88
C6 DCP G . 3.76 4.28 -2.84
O2 DCP G . 3.64 3.13 -6.19
N4 DCP G . 1.21 6.64 -4.15
C1' DCP G . 5.02 2.49 -3.92
C2' DCP G . 6.35 3.09 -4.11
C3' DCP G . 6.93 3.15 -2.73
C4' DCP G . 6.44 1.91 -2.20
O4' DCP G . 5.06 1.88 -2.67
O3' DCP G . 8.34 3.24 -2.71
C5' DCP G . 6.47 1.91 -0.73
O5' DCP G . 5.59 2.80 -0.10
PA DCP G . 5.95 3.70 1.13
O1A DCP G . 4.73 4.22 1.81
O2A DCP G . 6.43 2.86 2.21
O3A DCP G . 6.91 4.90 0.81
PB DCP G . 8.43 4.81 0.48
O1B DCP G . 8.99 3.46 0.51
O2B DCP G . 8.69 5.18 -0.95
O3B DCP G . 9.22 5.81 1.41
PG DCP G . 9.40 5.73 2.96
O1G DCP G . 10.86 5.77 3.31
O2G DCP G . 8.74 6.90 3.60
O3G DCP G . 8.84 4.50 3.70
CA CA H . -6.95 1.15 2.52
#